data_8ITA
#
_entry.id   8ITA
#
_cell.length_a   49.238
_cell.length_b   83.474
_cell.length_c   158.763
_cell.angle_alpha   90.00
_cell.angle_beta   90.00
_cell.angle_gamma   90.00
#
_symmetry.space_group_name_H-M   'P 2 21 21'
#
loop_
_entity.id
_entity.type
_entity.pdbx_description
1 polymer Bc7OUGT
2 non-polymer 3-(4-hydroxyphenyl)-6-methoxy-5,7-bis(oxidanyl)chromen-4-one
3 non-polymer "URIDINE-5'-DIPHOSPHATE"
4 water water
#
_entity_poly.entity_id   1
_entity_poly.type   'polypeptide(L)'
_entity_poly.pdbx_seq_one_letter_code
;MSAKPTTVVLYPSPGMGHLVSMFELAKLLDRHGLSVTVIIVEPHYNTGSTAAFIARSSASNPSVSFRVLPRPDSLPHNPS
RHHEAHAFDLLRLSNPELRRFLLESPPSALVLDYFCGNALDVSAELRIPAYYFFTSGAGVLSAFLHFPDLHSRTAASFRE
MGSSPLHFPGIPPLPADHMPVPMLDRDDPVYESFLYFSKRLKEAEGYIINTFEDLEPRAVAAISDAALPPNYCIGPLIQS
RDRESSSSRGGSECLAWLDAQPKRSVVFLCFGSIGLFSSEQLKEMAVGLERSGQRFLWVVRSPPSGDSDKLFEAPREPDL
ERILPEGFLERTEGRGLVVKSWAPQAAVLEHGSVGGFVTHCGWNSTLEAIASGVPMVAWPMYAEQWMNKVFLVEEMKLAV
PMEGYDKDMVTAEEVERKVRWLMESEGGVELRARTERAKERAAASLAEGGKSKVALLEVVERMKRGI
;
_entity_poly.pdbx_strand_id   A
#
# COMPACT_ATOMS: atom_id res chain seq x y z
N PRO A 5 -12.02 -14.29 -27.01
CA PRO A 5 -11.84 -13.62 -25.73
C PRO A 5 -10.37 -13.42 -25.39
N THR A 6 -9.98 -12.16 -25.19
CA THR A 6 -8.60 -11.81 -24.87
C THR A 6 -8.22 -12.31 -23.48
N THR A 7 -7.03 -12.90 -23.37
CA THR A 7 -6.63 -13.56 -22.14
C THR A 7 -5.35 -12.96 -21.56
N VAL A 8 -5.37 -12.68 -20.26
CA VAL A 8 -4.27 -12.10 -19.52
C VAL A 8 -3.89 -13.08 -18.43
N VAL A 9 -2.62 -13.09 -18.04
CA VAL A 9 -2.18 -13.83 -16.86
C VAL A 9 -1.54 -12.85 -15.90
N LEU A 10 -2.11 -12.75 -14.70
CA LEU A 10 -1.63 -11.90 -13.64
C LEU A 10 -0.82 -12.76 -12.67
N TYR A 11 0.46 -12.41 -12.48
CA TYR A 11 1.44 -13.15 -11.69
C TYR A 11 1.82 -12.33 -10.47
N PRO A 12 1.10 -12.46 -9.36
CA PRO A 12 1.48 -11.73 -8.15
C PRO A 12 2.62 -12.43 -7.44
N SER A 13 3.26 -11.70 -6.56
CA SER A 13 4.30 -12.43 -5.84
C SER A 13 3.68 -13.05 -4.60
N PRO A 14 4.31 -14.08 -4.03
CA PRO A 14 3.66 -14.82 -2.94
C PRO A 14 3.41 -13.93 -1.74
N GLY A 15 2.33 -14.25 -1.01
CA GLY A 15 1.82 -13.39 0.02
C GLY A 15 0.39 -12.98 -0.24
N MET A 16 -0.45 -13.07 0.80
CA MET A 16 -1.85 -12.73 0.65
C MET A 16 -2.04 -11.29 0.20
N GLY A 17 -1.29 -10.34 0.80
CA GLY A 17 -1.47 -8.94 0.43
C GLY A 17 -1.19 -8.67 -1.04
N HIS A 18 -0.17 -9.33 -1.58
CA HIS A 18 0.06 -9.24 -3.02
C HIS A 18 -1.07 -9.90 -3.82
N LEU A 19 -1.51 -11.10 -3.41
CA LEU A 19 -2.59 -11.78 -4.12
C LEU A 19 -3.87 -10.95 -4.16
N VAL A 20 -4.34 -10.52 -2.98
CA VAL A 20 -5.58 -9.74 -2.86
C VAL A 20 -5.54 -8.50 -3.75
N SER A 21 -4.36 -7.89 -3.91
CA SER A 21 -4.28 -6.69 -4.76
C SER A 21 -4.14 -7.00 -6.25
N MET A 22 -3.62 -8.15 -6.65
CA MET A 22 -3.69 -8.60 -8.03
C MET A 22 -5.14 -8.93 -8.41
N PHE A 23 -5.84 -9.63 -7.51
CA PHE A 23 -7.24 -9.98 -7.76
C PHE A 23 -8.08 -8.75 -8.02
N GLU A 24 -7.82 -7.66 -7.32
CA GLU A 24 -8.54 -6.43 -7.61
C GLU A 24 -8.32 -6.03 -9.05
N LEU A 25 -7.05 -6.06 -9.50
CA LEU A 25 -6.79 -5.81 -10.91
C LEU A 25 -7.54 -6.81 -11.78
N ALA A 26 -7.50 -8.09 -11.40
CA ALA A 26 -8.09 -9.14 -12.22
C ALA A 26 -9.58 -8.91 -12.44
N LYS A 27 -10.34 -8.72 -11.34
CA LYS A 27 -11.75 -8.36 -11.47
C LYS A 27 -11.94 -7.16 -12.39
N LEU A 28 -11.08 -6.15 -12.23
CA LEU A 28 -11.18 -4.95 -13.06
C LEU A 28 -11.03 -5.29 -14.54
N LEU A 29 -10.04 -6.10 -14.88
CA LEU A 29 -9.84 -6.45 -16.28
C LEU A 29 -10.98 -7.32 -16.80
N ASP A 30 -11.36 -8.34 -16.04
CA ASP A 30 -12.50 -9.16 -16.45
C ASP A 30 -13.78 -8.34 -16.47
N ARG A 31 -13.85 -7.27 -15.69
CA ARG A 31 -14.96 -6.33 -15.81
C ARG A 31 -14.95 -5.63 -17.16
N HIS A 32 -13.78 -5.50 -17.79
CA HIS A 32 -13.65 -4.99 -19.15
C HIS A 32 -13.45 -6.13 -20.14
N GLY A 33 -14.04 -7.28 -19.84
CA GLY A 33 -14.07 -8.38 -20.79
C GLY A 33 -12.70 -8.89 -21.15
N LEU A 34 -11.97 -9.36 -20.16
CA LEU A 34 -10.80 -10.17 -20.42
C LEU A 34 -10.95 -11.49 -19.67
N SER A 35 -10.42 -12.54 -20.25
CA SER A 35 -10.35 -13.81 -19.54
C SER A 35 -9.03 -13.78 -18.78
N VAL A 36 -9.09 -13.55 -17.46
CA VAL A 36 -7.90 -13.37 -16.63
C VAL A 36 -7.69 -14.58 -15.72
N THR A 37 -6.43 -15.00 -15.61
CA THR A 37 -6.00 -16.07 -14.72
C THR A 37 -4.91 -15.55 -13.80
N VAL A 38 -5.23 -15.41 -12.53
CA VAL A 38 -4.23 -15.19 -11.50
C VAL A 38 -3.38 -16.46 -11.36
N ILE A 39 -2.06 -16.32 -11.48
CA ILE A 39 -1.11 -17.40 -11.22
C ILE A 39 -0.67 -17.31 -9.78
N ILE A 40 -0.71 -18.42 -9.05
CA ILE A 40 -0.40 -18.39 -7.62
C ILE A 40 0.86 -19.20 -7.34
N VAL A 41 1.74 -18.63 -6.52
CA VAL A 41 2.95 -19.34 -6.05
C VAL A 41 2.78 -19.32 -4.54
N GLU A 42 2.56 -20.47 -3.92
CA GLU A 42 2.22 -20.49 -2.47
C GLU A 42 3.44 -20.36 -1.57
N PRO A 43 3.37 -19.54 -0.49
CA PRO A 43 4.45 -19.47 0.50
C PRO A 43 4.62 -20.76 1.29
N HIS A 44 5.61 -20.78 2.19
CA HIS A 44 5.80 -21.90 3.11
C HIS A 44 6.09 -21.34 4.50
N GLY A 48 -2.67 -15.28 5.32
CA GLY A 48 -3.68 -16.11 5.94
C GLY A 48 -3.83 -17.51 5.37
N SER A 49 -4.79 -17.71 4.47
CA SER A 49 -5.06 -19.02 3.87
C SER A 49 -5.31 -18.85 2.38
N THR A 50 -4.54 -19.57 1.55
CA THR A 50 -4.65 -19.43 0.10
C THR A 50 -5.88 -20.14 -0.46
N ALA A 51 -6.13 -21.37 0.01
CA ALA A 51 -7.31 -22.10 -0.44
C ALA A 51 -8.58 -21.30 -0.14
N ALA A 52 -8.68 -20.80 1.10
CA ALA A 52 -9.87 -20.07 1.50
C ALA A 52 -10.15 -18.92 0.55
N PHE A 53 -9.08 -18.28 0.05
CA PHE A 53 -9.22 -17.15 -0.84
C PHE A 53 -9.62 -17.59 -2.25
N ILE A 54 -8.98 -18.64 -2.77
CA ILE A 54 -9.38 -19.15 -4.08
C ILE A 54 -10.85 -19.52 -4.07
N ALA A 55 -11.32 -20.10 -2.95
CA ALA A 55 -12.70 -20.55 -2.88
C ALA A 55 -13.67 -19.37 -2.92
N ARG A 56 -13.39 -18.33 -2.12
CA ARG A 56 -14.27 -17.15 -2.11
C ARG A 56 -14.21 -16.43 -3.44
N SER A 57 -13.02 -16.22 -3.98
CA SER A 57 -12.88 -15.58 -5.28
C SER A 57 -13.56 -16.39 -6.38
N SER A 58 -13.51 -17.72 -6.28
CA SER A 58 -14.12 -18.53 -7.30
C SER A 58 -15.64 -18.54 -7.18
N ALA A 59 -16.17 -18.45 -5.96
CA ALA A 59 -17.62 -18.46 -5.77
C ALA A 59 -18.24 -17.09 -6.03
N SER A 60 -17.50 -16.02 -5.82
CA SER A 60 -18.02 -14.67 -6.01
C SER A 60 -17.62 -14.03 -7.34
N ASN A 61 -16.56 -14.52 -7.99
CA ASN A 61 -16.11 -13.99 -9.29
C ASN A 61 -15.69 -15.15 -10.16
N PRO A 62 -16.63 -16.00 -10.55
CA PRO A 62 -16.25 -17.27 -11.21
C PRO A 62 -15.50 -17.07 -12.49
N SER A 63 -15.63 -15.93 -13.14
CA SER A 63 -14.94 -15.72 -14.40
C SER A 63 -13.45 -15.50 -14.19
N VAL A 64 -13.01 -15.11 -12.99
CA VAL A 64 -11.59 -15.02 -12.67
C VAL A 64 -11.15 -16.41 -12.22
N SER A 65 -10.30 -17.06 -13.01
CA SER A 65 -9.85 -18.39 -12.64
C SER A 65 -8.40 -18.34 -12.15
N PHE A 66 -8.02 -19.36 -11.39
CA PHE A 66 -6.70 -19.44 -10.77
C PHE A 66 -5.93 -20.64 -11.27
N ARG A 67 -4.63 -20.61 -11.01
CA ARG A 67 -3.72 -21.59 -11.57
C ARG A 67 -2.57 -21.76 -10.57
N VAL A 68 -2.78 -22.65 -9.60
CA VAL A 68 -1.77 -22.91 -8.59
C VAL A 68 -0.62 -23.68 -9.22
N LEU A 69 0.62 -23.14 -9.08
CA LEU A 69 1.76 -23.80 -9.70
C LEU A 69 2.37 -24.85 -8.79
N PRO A 70 2.88 -25.94 -9.33
CA PRO A 70 3.58 -26.91 -8.49
C PRO A 70 4.76 -26.29 -7.75
N ARG A 71 4.60 -26.16 -6.44
CA ARG A 71 5.67 -25.61 -5.61
C ARG A 71 6.91 -26.47 -5.79
N PRO A 72 8.08 -25.88 -6.01
CA PRO A 72 9.27 -26.71 -6.22
C PRO A 72 10.04 -26.95 -4.92
N GLU A 84 10.77 -11.25 3.23
CA GLU A 84 11.16 -10.85 1.88
C GLU A 84 11.95 -11.94 1.13
N ALA A 85 12.85 -12.64 1.83
CA ALA A 85 13.92 -13.35 1.15
C ALA A 85 13.44 -14.62 0.46
N HIS A 86 12.81 -15.54 1.21
CA HIS A 86 12.43 -16.83 0.63
C HIS A 86 11.57 -16.64 -0.61
N ALA A 87 10.69 -15.63 -0.59
CA ALA A 87 9.83 -15.38 -1.74
C ALA A 87 10.60 -15.04 -3.00
N PHE A 88 11.80 -14.45 -2.86
CA PHE A 88 12.61 -14.23 -4.05
C PHE A 88 13.14 -15.53 -4.60
N ASP A 89 13.42 -16.49 -3.71
CA ASP A 89 13.86 -17.80 -4.18
C ASP A 89 12.70 -18.61 -4.73
N LEU A 90 11.57 -18.67 -4.01
CA LEU A 90 10.35 -19.29 -4.53
C LEU A 90 10.01 -18.83 -5.94
N LEU A 91 10.34 -17.59 -6.31
CA LEU A 91 9.90 -17.04 -7.59
C LEU A 91 10.89 -17.29 -8.72
N ARG A 92 12.20 -17.13 -8.44
CA ARG A 92 13.21 -17.53 -9.43
C ARG A 92 13.03 -18.98 -9.84
N LEU A 93 12.75 -19.87 -8.87
CA LEU A 93 12.64 -21.29 -9.16
C LEU A 93 11.31 -21.70 -9.77
N SER A 94 10.29 -20.84 -9.71
CA SER A 94 9.01 -21.13 -10.34
C SER A 94 8.98 -20.70 -11.79
N ASN A 95 10.13 -20.33 -12.35
CA ASN A 95 10.19 -19.89 -13.75
C ASN A 95 9.97 -21.08 -14.69
N PRO A 96 10.55 -22.28 -14.41
CA PRO A 96 10.17 -23.46 -15.20
C PRO A 96 8.66 -23.65 -15.26
N GLU A 97 8.04 -23.84 -14.09
CA GLU A 97 6.62 -24.15 -14.03
C GLU A 97 5.75 -23.06 -14.65
N LEU A 98 6.18 -21.80 -14.61
CA LEU A 98 5.39 -20.75 -15.23
C LEU A 98 5.49 -20.81 -16.75
N ARG A 99 6.63 -21.24 -17.30
CA ARG A 99 6.72 -21.39 -18.76
C ARG A 99 5.80 -22.51 -19.26
N ARG A 100 5.76 -23.63 -18.54
CA ARG A 100 4.84 -24.72 -18.88
C ARG A 100 3.41 -24.19 -19.04
N PHE A 101 2.91 -23.43 -18.04
CA PHE A 101 1.53 -22.98 -18.12
C PHE A 101 1.30 -22.00 -19.26
N LEU A 102 2.30 -21.20 -19.61
CA LEU A 102 2.12 -20.25 -20.71
C LEU A 102 2.42 -20.85 -22.07
N LEU A 103 3.21 -21.94 -22.11
CA LEU A 103 3.35 -22.69 -23.34
C LEU A 103 2.02 -23.34 -23.73
N GLU A 104 1.32 -23.94 -22.76
CA GLU A 104 0.11 -24.67 -23.10
C GLU A 104 -1.04 -23.77 -23.55
N SER A 105 -0.87 -22.44 -23.50
CA SER A 105 -1.78 -21.46 -24.09
C SER A 105 -1.21 -20.07 -23.94
N PRO A 106 -0.73 -19.45 -25.01
CA PRO A 106 -0.09 -18.15 -24.88
C PRO A 106 -1.13 -17.10 -24.56
N PRO A 107 -0.91 -16.29 -23.53
CA PRO A 107 -1.84 -15.20 -23.23
C PRO A 107 -1.51 -13.97 -24.06
N SER A 108 -2.48 -13.06 -24.11
CA SER A 108 -2.27 -11.78 -24.79
C SER A 108 -1.31 -10.89 -24.02
N ALA A 109 -1.44 -10.85 -22.69
CA ALA A 109 -0.61 -10.00 -21.86
C ALA A 109 -0.28 -10.70 -20.55
N LEU A 110 0.88 -10.37 -20.01
CA LEU A 110 1.31 -10.87 -18.71
C LEU A 110 1.47 -9.68 -17.77
N VAL A 111 0.84 -9.75 -16.59
CA VAL A 111 0.89 -8.68 -15.61
C VAL A 111 1.73 -9.15 -14.42
N LEU A 112 2.80 -8.42 -14.13
CA LEU A 112 3.79 -8.83 -13.13
C LEU A 112 3.81 -7.90 -11.93
N ASP A 113 4.14 -8.46 -10.78
CA ASP A 113 4.55 -7.66 -9.63
C ASP A 113 5.98 -7.18 -9.82
N TYR A 114 6.32 -6.12 -9.11
CA TYR A 114 7.72 -5.68 -9.06
C TYR A 114 8.67 -6.84 -8.69
N PHE A 115 8.27 -7.71 -7.77
CA PHE A 115 9.13 -8.80 -7.30
C PHE A 115 9.19 -9.99 -8.26
N CYS A 116 8.43 -9.98 -9.34
CA CYS A 116 8.37 -11.12 -10.24
C CYS A 116 9.19 -10.90 -11.51
N GLY A 117 10.31 -10.21 -11.39
CA GLY A 117 11.10 -9.92 -12.57
C GLY A 117 11.80 -11.13 -13.13
N ASN A 118 11.96 -12.19 -12.34
CA ASN A 118 12.52 -13.41 -12.92
C ASN A 118 11.66 -13.92 -14.05
N ALA A 119 10.34 -13.68 -13.95
CA ALA A 119 9.43 -14.09 -15.01
C ALA A 119 9.66 -13.31 -16.28
N LEU A 120 10.32 -12.15 -16.24
CA LEU A 120 10.63 -11.46 -17.48
C LEU A 120 11.46 -12.33 -18.41
N ASP A 121 12.26 -13.23 -17.84
CA ASP A 121 12.98 -14.19 -18.66
C ASP A 121 12.01 -15.07 -19.45
N VAL A 122 10.92 -15.49 -18.81
CA VAL A 122 9.94 -16.37 -19.46
C VAL A 122 9.23 -15.65 -20.61
N SER A 123 8.78 -14.42 -20.36
CA SER A 123 8.02 -13.67 -21.35
C SER A 123 8.89 -13.11 -22.47
N ALA A 124 10.21 -13.29 -22.36
CA ALA A 124 11.13 -12.94 -23.42
C ALA A 124 10.99 -13.93 -24.59
N GLU A 125 11.51 -15.14 -24.41
CA GLU A 125 11.33 -16.23 -25.38
C GLU A 125 9.91 -16.28 -25.94
N LEU A 126 8.94 -16.48 -25.05
CA LEU A 126 7.54 -16.62 -25.46
C LEU A 126 6.96 -15.36 -26.12
N ARG A 127 7.73 -14.28 -26.26
CA ARG A 127 7.27 -13.07 -26.91
C ARG A 127 5.90 -12.66 -26.39
N ILE A 128 5.82 -12.36 -25.10
CA ILE A 128 4.57 -12.00 -24.45
C ILE A 128 4.74 -10.62 -23.81
N PRO A 129 3.82 -9.69 -24.05
CA PRO A 129 3.98 -8.34 -23.50
C PRO A 129 3.71 -8.35 -22.00
N ALA A 130 4.68 -7.84 -21.23
CA ALA A 130 4.61 -7.83 -19.78
C ALA A 130 4.32 -6.42 -19.27
N TYR A 131 3.29 -6.30 -18.45
CA TYR A 131 3.05 -5.09 -17.67
C TYR A 131 3.38 -5.36 -16.21
N TYR A 132 3.93 -4.36 -15.52
CA TYR A 132 4.00 -4.39 -14.07
C TYR A 132 2.73 -3.81 -13.48
N PHE A 133 2.16 -4.48 -12.48
CA PHE A 133 1.12 -3.86 -11.66
C PHE A 133 1.81 -3.39 -10.39
N PHE A 134 1.91 -2.08 -10.24
CA PHE A 134 2.63 -1.46 -9.16
C PHE A 134 1.61 -0.96 -8.15
N THR A 135 1.68 -1.51 -6.94
CA THR A 135 0.66 -1.24 -5.89
C THR A 135 0.96 0.03 -5.11
N SER A 136 2.19 0.53 -5.17
CA SER A 136 2.51 1.83 -4.58
C SER A 136 2.39 2.91 -5.66
N GLY A 137 2.46 4.15 -5.22
CA GLY A 137 2.21 5.27 -6.11
C GLY A 137 3.41 5.60 -6.98
N ALA A 138 3.19 6.59 -7.85
CA ALA A 138 4.22 6.92 -8.83
C ALA A 138 5.44 7.55 -8.19
N GLY A 139 5.30 8.13 -7.00
CA GLY A 139 6.48 8.60 -6.28
C GLY A 139 7.39 7.45 -5.89
N VAL A 140 6.82 6.38 -5.33
CA VAL A 140 7.64 5.21 -4.93
C VAL A 140 8.26 4.59 -6.18
N LEU A 141 7.49 4.52 -7.26
CA LEU A 141 8.01 3.96 -8.54
C LEU A 141 9.23 4.77 -8.97
N SER A 142 9.09 6.08 -9.11
CA SER A 142 10.23 6.90 -9.56
C SER A 142 11.49 6.45 -8.84
N ALA A 143 11.45 6.50 -7.51
CA ALA A 143 12.63 6.12 -6.72
C ALA A 143 13.05 4.70 -7.10
N PHE A 144 12.10 3.77 -7.11
CA PHE A 144 12.49 2.37 -7.40
C PHE A 144 13.10 2.29 -8.79
N LEU A 145 12.60 3.10 -9.72
CA LEU A 145 13.08 3.09 -11.12
C LEU A 145 14.48 3.70 -11.19
N HIS A 146 14.77 4.67 -10.35
CA HIS A 146 16.07 5.37 -10.44
C HIS A 146 17.04 4.85 -9.37
N PHE A 147 16.61 3.88 -8.56
CA PHE A 147 17.53 3.28 -7.61
C PHE A 147 18.83 2.83 -8.31
N PRO A 148 18.80 1.90 -9.27
CA PRO A 148 20.09 1.38 -9.77
C PRO A 148 21.05 2.46 -10.24
N ASP A 149 20.55 3.57 -10.81
CA ASP A 149 21.45 4.65 -11.21
C ASP A 149 22.20 5.22 -10.01
N LEU A 150 21.45 5.74 -9.02
CA LEU A 150 22.07 6.19 -7.78
C LEU A 150 22.95 5.12 -7.18
N HIS A 151 22.60 3.85 -7.35
CA HIS A 151 23.37 2.78 -6.71
C HIS A 151 24.84 2.85 -7.13
N SER A 152 25.07 3.14 -8.40
CA SER A 152 26.40 3.18 -8.99
C SER A 152 27.07 4.53 -8.82
N ARG A 153 26.31 5.60 -8.55
CA ARG A 153 26.90 6.91 -8.30
C ARG A 153 27.39 7.05 -6.87
N THR A 154 27.35 5.98 -6.06
CA THR A 154 27.88 6.06 -4.70
C THR A 154 28.27 4.68 -4.21
N ALA A 155 29.30 4.63 -3.38
CA ALA A 155 29.72 3.42 -2.71
C ALA A 155 29.06 3.24 -1.35
N ALA A 156 28.44 4.29 -0.82
CA ALA A 156 27.86 4.27 0.51
C ALA A 156 26.46 3.65 0.49
N SER A 157 26.16 2.83 1.50
CA SER A 157 24.80 2.31 1.59
C SER A 157 23.90 3.35 2.23
N PHE A 158 22.59 3.06 2.21
CA PHE A 158 21.60 4.05 2.65
C PHE A 158 21.55 4.17 4.17
N ARG A 159 21.89 3.12 4.91
CA ARG A 159 21.92 3.26 6.36
C ARG A 159 23.08 4.15 6.79
N GLU A 160 24.21 4.06 6.08
CA GLU A 160 25.32 4.98 6.34
C GLU A 160 24.94 6.41 5.96
N MET A 161 24.22 6.58 4.83
CA MET A 161 23.91 7.93 4.37
C MET A 161 22.98 8.69 5.33
N GLY A 162 22.24 7.99 6.19
CA GLY A 162 21.44 8.62 7.22
C GLY A 162 20.36 9.53 6.67
N SER A 163 20.50 10.84 6.86
CA SER A 163 19.49 11.79 6.40
C SER A 163 19.91 12.46 5.13
N SER A 164 20.96 11.95 4.51
CA SER A 164 21.53 12.63 3.33
C SER A 164 20.54 12.49 2.18
N PRO A 165 20.34 13.56 1.38
CA PRO A 165 19.29 13.53 0.40
C PRO A 165 19.55 12.47 -0.65
N LEU A 166 18.48 11.73 -0.98
CA LEU A 166 18.40 11.05 -2.28
C LEU A 166 17.45 11.85 -3.17
N HIS A 167 17.93 12.22 -4.34
CA HIS A 167 17.19 13.11 -5.23
C HIS A 167 16.58 12.29 -6.35
N PHE A 168 15.30 12.10 -6.29
CA PHE A 168 14.71 11.33 -7.35
C PHE A 168 13.76 12.20 -8.19
N PRO A 169 13.73 11.96 -9.50
CA PRO A 169 12.83 12.70 -10.38
C PRO A 169 11.39 12.73 -9.88
N GLY A 170 10.79 13.92 -9.89
CA GLY A 170 9.36 14.12 -9.67
C GLY A 170 8.91 14.17 -8.22
N ILE A 171 9.82 13.94 -7.28
CA ILE A 171 9.44 13.70 -5.88
C ILE A 171 10.37 14.47 -4.98
N PRO A 172 9.94 14.73 -3.73
CA PRO A 172 10.79 15.47 -2.81
C PRO A 172 12.07 14.71 -2.53
N PRO A 173 13.16 15.43 -2.23
CA PRO A 173 14.33 14.78 -1.63
C PRO A 173 13.89 13.88 -0.49
N LEU A 174 14.42 12.67 -0.49
CA LEU A 174 14.03 11.62 0.42
C LEU A 174 15.24 11.28 1.27
N PRO A 175 15.18 11.50 2.59
CA PRO A 175 16.26 11.04 3.48
C PRO A 175 16.61 9.59 3.21
N ALA A 176 17.90 9.33 2.97
CA ALA A 176 18.32 8.00 2.54
C ALA A 176 17.83 6.93 3.49
N ASP A 177 17.81 7.22 4.79
CA ASP A 177 17.30 6.22 5.72
C ASP A 177 15.79 6.07 5.66
N HIS A 178 15.09 6.80 4.81
CA HIS A 178 13.70 6.44 4.57
C HIS A 178 13.56 5.46 3.42
N MET A 179 14.65 5.03 2.81
CA MET A 179 14.57 3.93 1.88
C MET A 179 14.02 2.71 2.63
N PRO A 180 13.31 1.81 1.93
CA PRO A 180 12.81 0.60 2.56
C PRO A 180 13.95 -0.18 3.24
N VAL A 181 13.67 -0.76 4.40
CA VAL A 181 14.71 -1.50 5.18
C VAL A 181 15.47 -2.46 4.26
N PRO A 182 14.82 -3.36 3.50
CA PRO A 182 15.55 -4.33 2.69
C PRO A 182 16.68 -3.65 1.90
N MET A 183 16.50 -2.39 1.49
CA MET A 183 17.50 -1.73 0.65
C MET A 183 18.55 -0.95 1.45
N LEU A 184 18.57 -1.04 2.78
CA LEU A 184 19.46 -0.16 3.55
C LEU A 184 20.91 -0.63 3.62
N ASP A 185 21.18 -1.92 3.43
CA ASP A 185 22.55 -2.43 3.52
C ASP A 185 22.90 -3.12 2.22
N ARG A 186 23.97 -2.64 1.57
CA ARG A 186 24.34 -3.18 0.27
C ARG A 186 24.78 -4.63 0.37
N ASP A 187 25.44 -5.00 1.46
CA ASP A 187 26.05 -6.32 1.54
C ASP A 187 25.05 -7.35 2.08
N ASP A 188 23.92 -7.42 1.41
CA ASP A 188 22.82 -8.23 1.90
C ASP A 188 22.05 -8.75 0.69
N PRO A 189 22.00 -10.07 0.51
CA PRO A 189 21.44 -10.61 -0.74
C PRO A 189 20.08 -10.03 -1.10
N VAL A 190 19.28 -9.63 -0.12
CA VAL A 190 17.97 -9.01 -0.46
C VAL A 190 18.22 -7.74 -1.28
N TYR A 191 19.23 -6.96 -0.90
CA TYR A 191 19.50 -5.71 -1.57
C TYR A 191 19.79 -5.95 -3.04
N GLU A 192 20.58 -6.99 -3.32
CA GLU A 192 20.97 -7.27 -4.69
C GLU A 192 19.77 -7.62 -5.53
N SER A 193 18.76 -8.27 -4.93
CA SER A 193 17.55 -8.60 -5.66
C SER A 193 16.76 -7.33 -5.99
N PHE A 194 16.71 -6.37 -5.08
CA PHE A 194 16.02 -5.12 -5.39
C PHE A 194 16.71 -4.39 -6.52
N LEU A 195 18.05 -4.44 -6.56
CA LEU A 195 18.74 -3.90 -7.71
C LEU A 195 18.40 -4.69 -8.96
N TYR A 196 18.10 -5.99 -8.81
CA TYR A 196 17.70 -6.80 -9.96
C TYR A 196 16.28 -6.43 -10.42
N PHE A 197 15.34 -6.31 -9.47
CA PHE A 197 13.95 -6.05 -9.84
C PHE A 197 13.77 -4.63 -10.38
N SER A 198 14.53 -3.69 -9.85
CA SER A 198 14.43 -2.31 -10.33
C SER A 198 15.05 -2.17 -11.72
N LYS A 199 16.24 -2.76 -11.94
CA LYS A 199 16.80 -2.84 -13.29
C LYS A 199 15.77 -3.38 -14.27
N ARG A 200 15.10 -4.47 -13.89
CA ARG A 200 14.15 -5.12 -14.80
C ARG A 200 12.89 -4.32 -15.05
N LEU A 201 12.63 -3.24 -14.28
CA LEU A 201 11.42 -2.45 -14.55
C LEU A 201 11.50 -1.76 -15.91
N LYS A 202 12.71 -1.44 -16.39
CA LYS A 202 12.86 -0.75 -17.68
C LYS A 202 12.34 -1.62 -18.82
N GLU A 203 12.56 -2.94 -18.74
CA GLU A 203 12.27 -3.87 -19.82
C GLU A 203 10.79 -4.08 -20.08
N ALA A 204 9.89 -3.45 -19.34
CA ALA A 204 8.48 -3.80 -19.48
C ALA A 204 7.84 -3.05 -20.64
N GLU A 205 6.68 -3.56 -21.06
CA GLU A 205 5.86 -2.86 -22.03
C GLU A 205 5.05 -1.74 -21.40
N GLY A 206 4.83 -1.77 -20.09
CA GLY A 206 3.97 -0.76 -19.48
C GLY A 206 3.94 -0.87 -17.97
N TYR A 207 3.28 0.10 -17.36
CA TYR A 207 3.22 0.26 -15.91
C TYR A 207 1.78 0.55 -15.54
N ILE A 208 1.13 -0.38 -14.83
CA ILE A 208 -0.17 -0.10 -14.23
C ILE A 208 0.07 0.25 -12.76
N ILE A 209 -0.30 1.48 -12.37
CA ILE A 209 -0.03 2.01 -11.04
C ILE A 209 -1.34 2.28 -10.33
N ASN A 210 -1.43 1.88 -9.07
CA ASN A 210 -2.64 2.11 -8.26
C ASN A 210 -2.62 3.51 -7.64
N THR A 211 -2.52 4.50 -8.53
CA THR A 211 -2.60 5.91 -8.15
C THR A 211 -3.44 6.65 -9.20
N PHE A 212 -3.81 7.90 -8.92
CA PHE A 212 -4.39 8.75 -9.94
C PHE A 212 -3.49 9.96 -10.17
N GLU A 213 -3.48 10.43 -11.42
CA GLU A 213 -2.54 11.47 -11.83
C GLU A 213 -2.70 12.74 -10.99
N ASP A 214 -3.95 13.17 -10.74
CA ASP A 214 -4.19 14.39 -9.99
C ASP A 214 -3.63 14.32 -8.57
N LEU A 215 -3.63 13.13 -7.97
CA LEU A 215 -3.00 12.98 -6.66
C LEU A 215 -1.50 13.24 -6.76
N GLU A 216 -0.83 12.61 -7.73
CA GLU A 216 0.62 12.62 -7.84
C GLU A 216 1.08 13.22 -9.18
N PRO A 217 0.64 14.44 -9.52
CA PRO A 217 0.91 14.95 -10.88
C PRO A 217 2.39 15.07 -11.21
N ARG A 218 3.16 15.73 -10.35
CA ARG A 218 4.59 15.89 -10.61
C ARG A 218 5.27 14.55 -10.69
N ALA A 219 4.77 13.56 -9.95
CA ALA A 219 5.37 12.22 -9.98
C ALA A 219 5.10 11.51 -11.30
N VAL A 220 3.83 11.48 -11.74
CA VAL A 220 3.51 10.88 -13.04
C VAL A 220 4.39 11.48 -14.13
N ALA A 221 4.50 12.81 -14.15
CA ALA A 221 5.25 13.49 -15.24
C ALA A 221 6.68 12.98 -15.40
N ALA A 222 7.43 12.87 -14.30
CA ALA A 222 8.85 12.48 -14.40
C ALA A 222 9.04 11.08 -14.97
N ILE A 223 8.07 10.20 -14.74
CA ILE A 223 8.23 8.79 -15.20
C ILE A 223 7.55 8.68 -16.56
N SER A 224 6.67 9.64 -16.86
CA SER A 224 6.03 9.67 -18.19
C SER A 224 7.07 10.14 -19.21
N ASP A 225 8.32 9.70 -19.04
CA ASP A 225 9.43 10.10 -19.94
C ASP A 225 9.49 9.15 -21.13
N ALA A 226 10.11 9.59 -22.22
CA ALA A 226 10.15 8.79 -23.46
C ALA A 226 11.08 7.59 -23.27
N ALA A 227 12.23 7.82 -22.64
CA ALA A 227 13.21 6.73 -22.44
C ALA A 227 12.71 5.85 -21.30
N LEU A 228 11.41 5.58 -21.29
CA LEU A 228 10.81 4.85 -20.18
C LEU A 228 9.46 4.31 -20.64
N PRO A 229 9.16 3.04 -20.38
CA PRO A 229 7.87 2.46 -20.82
C PRO A 229 6.70 3.29 -20.34
N PRO A 230 5.59 3.30 -21.07
CA PRO A 230 4.43 4.13 -20.68
C PRO A 230 3.89 3.76 -19.31
N ASN A 231 2.93 4.52 -18.83
CA ASN A 231 2.27 4.16 -17.59
C ASN A 231 0.79 4.55 -17.62
N TYR A 232 0.01 3.80 -16.86
CA TYR A 232 -1.46 3.90 -16.84
C TYR A 232 -1.89 3.92 -15.39
N CYS A 233 -2.26 5.10 -14.89
CA CYS A 233 -2.62 5.30 -13.49
C CYS A 233 -4.12 5.08 -13.33
N ILE A 234 -4.49 3.89 -12.84
CA ILE A 234 -5.87 3.42 -12.97
C ILE A 234 -6.63 3.38 -11.63
N GLY A 235 -6.18 4.10 -10.59
CA GLY A 235 -6.80 3.98 -9.31
C GLY A 235 -7.44 5.25 -8.80
N PRO A 236 -8.00 5.21 -7.58
CA PRO A 236 -7.81 4.15 -6.59
C PRO A 236 -8.52 2.84 -6.90
N LEU A 237 -7.74 1.77 -6.78
CA LEU A 237 -8.26 0.41 -6.72
C LEU A 237 -8.27 0.02 -5.25
N ILE A 238 -9.38 0.24 -4.56
CA ILE A 238 -9.46 -0.13 -3.16
C ILE A 238 -10.10 -1.52 -3.06
N GLN A 239 -9.53 -2.31 -2.15
CA GLN A 239 -10.08 -3.66 -1.86
C GLN A 239 -11.35 -3.45 -1.04
N SER A 240 -12.48 -3.27 -1.70
CA SER A 240 -13.76 -3.04 -1.06
C SER A 240 -14.70 -4.21 -1.37
N ARG A 249 -19.81 -10.90 16.25
CA ARG A 249 -18.68 -10.42 15.44
C ARG A 249 -18.17 -9.06 15.95
N GLY A 250 -16.86 -9.00 16.23
CA GLY A 250 -16.18 -7.78 16.66
C GLY A 250 -15.83 -6.82 15.53
N GLY A 251 -16.03 -7.24 14.28
CA GLY A 251 -15.98 -6.34 13.14
C GLY A 251 -17.22 -5.48 13.06
N SER A 252 -18.39 -6.10 13.24
CA SER A 252 -19.62 -5.32 13.23
C SER A 252 -19.75 -4.42 14.47
N GLU A 253 -19.11 -4.81 15.59
CA GLU A 253 -19.27 -4.09 16.84
C GLU A 253 -18.68 -2.68 16.75
N CYS A 254 -17.48 -2.57 16.22
CA CYS A 254 -16.87 -1.25 16.10
C CYS A 254 -17.59 -0.38 15.08
N LEU A 255 -18.34 -0.97 14.15
CA LEU A 255 -19.20 -0.18 13.29
C LEU A 255 -20.45 0.30 14.03
N ALA A 256 -20.99 -0.54 14.91
CA ALA A 256 -22.11 -0.12 15.75
C ALA A 256 -21.71 1.03 16.67
N TRP A 257 -20.70 0.79 17.52
CA TRP A 257 -20.16 1.85 18.39
C TRP A 257 -19.85 3.12 17.60
N LEU A 258 -19.36 2.98 16.37
CA LEU A 258 -19.11 4.14 15.53
C LEU A 258 -20.40 4.90 15.27
N ASP A 259 -21.46 4.17 14.90
CA ASP A 259 -22.78 4.76 14.68
C ASP A 259 -23.25 5.54 15.90
N ALA A 260 -22.74 5.17 17.09
CA ALA A 260 -23.11 5.78 18.36
C ALA A 260 -22.48 7.15 18.59
N GLN A 261 -21.61 7.63 17.67
CA GLN A 261 -20.77 8.80 17.89
C GLN A 261 -21.23 9.96 17.03
N PRO A 262 -21.01 11.19 17.47
CA PRO A 262 -21.37 12.33 16.64
C PRO A 262 -20.53 12.36 15.39
N LYS A 263 -21.11 12.94 14.35
CA LYS A 263 -20.47 13.02 13.05
C LYS A 263 -19.09 13.67 13.14
N ARG A 264 -18.10 12.99 12.57
CA ARG A 264 -16.74 13.48 12.41
C ARG A 264 -15.97 13.61 13.72
N SER A 265 -16.34 12.87 14.77
CA SER A 265 -15.78 13.10 16.10
C SER A 265 -14.77 12.07 16.57
N VAL A 266 -14.42 11.07 15.75
CA VAL A 266 -13.62 9.93 16.20
C VAL A 266 -12.30 9.93 15.44
N VAL A 267 -11.19 9.76 16.18
CA VAL A 267 -9.91 9.47 15.56
C VAL A 267 -9.72 7.98 15.45
N PHE A 268 -9.37 7.54 14.24
CA PHE A 268 -9.09 6.16 13.94
C PHE A 268 -7.58 5.98 13.89
N LEU A 269 -7.07 5.12 14.75
CA LEU A 269 -5.68 4.72 14.75
C LEU A 269 -5.59 3.24 14.35
N CYS A 270 -4.99 2.97 13.20
CA CYS A 270 -4.89 1.60 12.70
C CYS A 270 -3.60 1.48 11.92
N PHE A 271 -2.89 0.37 12.12
CA PHE A 271 -1.48 0.37 11.74
C PHE A 271 -1.13 -0.87 10.93
N GLY A 272 -1.90 -1.13 9.90
CA GLY A 272 -1.53 -2.16 8.95
C GLY A 272 -1.57 -3.58 9.46
N SER A 273 -0.88 -4.44 8.71
CA SER A 273 -0.94 -5.89 8.84
C SER A 273 0.05 -6.48 9.84
N ILE A 274 0.90 -5.67 10.46
CA ILE A 274 1.95 -6.17 11.34
C ILE A 274 2.10 -5.18 12.49
N GLY A 275 1.80 -5.64 13.69
CA GLY A 275 1.96 -4.82 14.87
C GLY A 275 3.41 -4.74 15.31
N LEU A 276 3.93 -3.51 15.39
CA LEU A 276 5.33 -3.28 15.72
C LEU A 276 5.45 -2.27 16.84
N PHE A 277 4.45 -2.21 17.72
CA PHE A 277 4.48 -1.33 18.88
C PHE A 277 4.76 -2.14 20.13
N SER A 278 5.81 -1.75 20.87
CA SER A 278 6.04 -2.32 22.18
C SER A 278 4.93 -1.92 23.15
N SER A 279 4.79 -2.67 24.23
CA SER A 279 3.76 -2.35 25.23
C SER A 279 3.97 -0.97 25.83
N GLU A 280 5.23 -0.54 26.01
CA GLU A 280 5.49 0.78 26.56
C GLU A 280 5.21 1.88 25.54
N GLN A 281 5.36 1.59 24.25
CA GLN A 281 4.90 2.54 23.25
C GLN A 281 3.39 2.61 23.24
N LEU A 282 2.73 1.47 23.46
CA LEU A 282 1.28 1.43 23.54
C LEU A 282 0.77 2.22 24.74
N LYS A 283 1.54 2.24 25.83
CA LYS A 283 1.20 3.08 26.98
C LYS A 283 1.19 4.56 26.61
N GLU A 284 2.25 5.06 25.98
CA GLU A 284 2.27 6.47 25.57
C GLU A 284 1.06 6.81 24.74
N MET A 285 0.76 5.97 23.76
CA MET A 285 -0.39 6.19 22.91
C MET A 285 -1.66 6.29 23.73
N ALA A 286 -1.87 5.38 24.67
CA ALA A 286 -3.08 5.44 25.49
C ALA A 286 -3.09 6.70 26.38
N VAL A 287 -1.98 6.99 27.04
CA VAL A 287 -1.91 8.20 27.87
C VAL A 287 -2.08 9.44 27.01
N GLY A 288 -1.54 9.42 25.79
CA GLY A 288 -1.71 10.55 24.91
C GLY A 288 -3.13 10.66 24.39
N LEU A 289 -3.74 9.52 24.05
CA LEU A 289 -5.12 9.55 23.60
C LEU A 289 -6.05 9.97 24.74
N GLU A 290 -5.83 9.41 25.93
CA GLU A 290 -6.63 9.80 27.09
C GLU A 290 -6.54 11.30 27.32
N ARG A 291 -5.32 11.84 27.26
CA ARG A 291 -5.14 13.25 27.55
C ARG A 291 -5.57 14.16 26.41
N SER A 292 -5.97 13.65 25.24
CA SER A 292 -6.44 14.55 24.18
C SER A 292 -7.92 14.90 24.31
N GLY A 293 -8.68 14.13 25.08
CA GLY A 293 -10.11 14.29 25.19
C GLY A 293 -10.92 13.78 24.01
N GLN A 294 -10.29 13.39 22.91
CA GLN A 294 -11.00 13.04 21.69
C GLN A 294 -11.54 11.62 21.77
N ARG A 295 -12.68 11.40 21.12
CA ARG A 295 -13.15 10.04 20.89
C ARG A 295 -12.20 9.30 19.95
N PHE A 296 -11.93 8.03 20.26
CA PHE A 296 -10.91 7.31 19.52
C PHE A 296 -11.34 5.87 19.28
N LEU A 297 -11.05 5.39 18.07
CA LEU A 297 -11.21 4.00 17.68
C LEU A 297 -9.82 3.44 17.38
N TRP A 298 -9.29 2.61 18.25
CA TRP A 298 -7.88 2.28 18.26
C TRP A 298 -7.67 0.77 18.11
N VAL A 299 -6.94 0.38 17.07
CA VAL A 299 -6.72 -1.02 16.72
C VAL A 299 -5.31 -1.41 17.16
N VAL A 300 -5.23 -2.35 18.10
CA VAL A 300 -3.96 -2.68 18.74
C VAL A 300 -3.71 -4.18 18.56
N ARG A 301 -2.48 -4.53 18.15
CA ARG A 301 -2.04 -5.90 18.00
C ARG A 301 -1.12 -6.28 19.15
N SER A 302 -0.76 -7.56 19.21
CA SER A 302 0.12 -8.04 20.29
C SER A 302 1.52 -7.48 20.09
N PRO A 303 2.14 -6.91 21.11
CA PRO A 303 3.51 -6.44 20.94
C PRO A 303 4.42 -7.55 20.49
N PRO A 304 5.47 -7.23 19.72
CA PRO A 304 6.28 -8.26 19.08
C PRO A 304 7.03 -9.13 20.08
N SER A 305 7.65 -10.19 19.56
CA SER A 305 8.58 -11.00 20.35
C SER A 305 10.02 -10.63 20.03
N GLU A 317 -2.90 -13.50 20.41
CA GLU A 317 -3.79 -12.31 20.38
C GLU A 317 -3.41 -11.37 21.52
N PRO A 318 -3.84 -10.09 21.51
CA PRO A 318 -3.39 -9.14 22.53
C PRO A 318 -4.13 -9.15 23.87
N ASP A 319 -3.39 -9.01 24.98
CA ASP A 319 -3.96 -8.92 26.33
C ASP A 319 -4.04 -7.45 26.71
N LEU A 320 -5.19 -6.84 26.46
CA LEU A 320 -5.29 -5.39 26.60
C LEU A 320 -4.96 -4.94 28.02
N GLU A 321 -5.51 -5.62 29.03
CA GLU A 321 -5.26 -5.14 30.39
C GLU A 321 -3.87 -5.54 30.89
N ARG A 322 -3.21 -6.51 30.25
CA ARG A 322 -1.80 -6.71 30.52
C ARG A 322 -0.92 -5.70 29.82
N ILE A 323 -1.44 -4.98 28.83
CA ILE A 323 -0.59 -4.25 27.91
C ILE A 323 -0.79 -2.76 28.05
N LEU A 324 -2.01 -2.35 28.36
CA LEU A 324 -2.34 -0.94 28.40
C LEU A 324 -2.26 -0.39 29.82
N PRO A 325 -2.21 0.93 29.97
CA PRO A 325 -2.08 1.51 31.31
C PRO A 325 -3.26 1.13 32.20
N GLU A 326 -2.95 0.85 33.45
CA GLU A 326 -3.97 0.41 34.40
C GLU A 326 -5.10 1.41 34.49
N GLY A 327 -6.32 0.90 34.49
CA GLY A 327 -7.49 1.75 34.52
C GLY A 327 -7.86 2.36 33.20
N PHE A 328 -7.07 2.13 32.14
CA PHE A 328 -7.31 2.84 30.89
C PHE A 328 -8.66 2.45 30.29
N LEU A 329 -8.92 1.14 30.14
CA LEU A 329 -10.19 0.68 29.60
C LEU A 329 -11.37 1.20 30.41
N GLU A 330 -11.26 1.10 31.74
CA GLU A 330 -12.32 1.60 32.61
C GLU A 330 -12.54 3.10 32.41
N ARG A 331 -11.45 3.88 32.45
CA ARG A 331 -11.57 5.33 32.35
C ARG A 331 -12.12 5.76 30.99
N THR A 332 -11.64 5.14 29.91
CA THR A 332 -11.97 5.62 28.57
C THR A 332 -13.17 4.95 27.93
N GLU A 333 -13.72 3.90 28.54
CA GLU A 333 -14.86 3.24 27.90
C GLU A 333 -16.08 4.17 27.90
N GLY A 334 -16.67 4.34 26.72
CA GLY A 334 -17.67 5.36 26.52
C GLY A 334 -17.13 6.48 25.66
N ARG A 335 -15.85 6.81 25.86
CA ARG A 335 -15.18 7.80 25.04
C ARG A 335 -14.36 7.20 23.90
N GLY A 336 -13.90 5.96 24.08
CA GLY A 336 -13.11 5.29 23.03
C GLY A 336 -13.27 3.79 23.04
N LEU A 337 -12.96 3.14 21.92
CA LEU A 337 -13.03 1.67 21.83
C LEU A 337 -11.70 1.09 21.35
N VAL A 338 -11.15 0.14 22.09
CA VAL A 338 -9.89 -0.53 21.65
C VAL A 338 -10.28 -1.84 20.97
N VAL A 339 -9.70 -2.12 19.81
CA VAL A 339 -10.03 -3.29 19.01
C VAL A 339 -8.81 -4.19 18.92
N LYS A 340 -8.97 -5.46 19.31
CA LYS A 340 -7.92 -6.45 19.23
C LYS A 340 -7.58 -6.74 17.77
N SER A 341 -6.31 -6.59 17.41
CA SER A 341 -5.77 -7.08 16.14
C SER A 341 -6.42 -6.52 14.87
N TRP A 342 -7.74 -6.52 14.75
CA TRP A 342 -8.33 -6.25 13.44
C TRP A 342 -9.62 -5.46 13.52
N ALA A 343 -9.83 -4.56 12.56
CA ALA A 343 -11.04 -3.78 12.37
C ALA A 343 -11.42 -3.76 10.91
N PRO A 344 -12.69 -3.55 10.60
CA PRO A 344 -13.07 -3.37 9.19
C PRO A 344 -12.74 -1.96 8.68
N GLN A 345 -11.47 -1.80 8.29
CA GLN A 345 -10.92 -0.46 8.05
C GLN A 345 -11.60 0.27 6.90
N ALA A 346 -11.82 -0.40 5.77
CA ALA A 346 -12.49 0.25 4.64
C ALA A 346 -13.87 0.77 5.05
N ALA A 347 -14.64 -0.08 5.74
CA ALA A 347 -15.91 0.36 6.30
C ALA A 347 -15.71 1.52 7.25
N VAL A 348 -14.83 1.35 8.24
CA VAL A 348 -14.61 2.39 9.25
C VAL A 348 -14.35 3.73 8.59
N LEU A 349 -13.42 3.78 7.63
CA LEU A 349 -13.02 5.05 7.02
C LEU A 349 -14.16 5.72 6.26
N GLU A 350 -15.09 4.93 5.73
CA GLU A 350 -16.23 5.50 5.03
C GLU A 350 -17.22 6.14 6.00
N HIS A 351 -17.18 5.74 7.27
CA HIS A 351 -18.18 6.18 8.24
C HIS A 351 -18.07 7.68 8.48
N GLY A 352 -19.23 8.33 8.61
CA GLY A 352 -19.31 9.74 8.90
C GLY A 352 -18.96 10.13 10.33
N SER A 353 -18.71 9.17 11.20
CA SER A 353 -18.21 9.51 12.52
C SER A 353 -16.69 9.63 12.58
N VAL A 354 -15.99 9.46 11.46
CA VAL A 354 -14.54 9.44 11.48
C VAL A 354 -14.03 10.77 10.94
N GLY A 355 -13.36 11.55 11.79
CA GLY A 355 -12.86 12.86 11.43
C GLY A 355 -11.37 12.95 11.26
N GLY A 356 -10.65 11.86 11.58
CA GLY A 356 -9.21 11.83 11.43
C GLY A 356 -8.67 10.42 11.52
N PHE A 357 -7.50 10.21 10.91
CA PHE A 357 -6.91 8.89 10.73
C PHE A 357 -5.43 8.93 11.12
N VAL A 358 -5.07 8.18 12.15
CA VAL A 358 -3.67 8.08 12.57
C VAL A 358 -3.13 6.81 11.92
N THR A 359 -2.47 6.97 10.78
CA THR A 359 -2.19 5.86 9.89
C THR A 359 -0.71 5.55 9.82
N HIS A 360 -0.41 4.37 9.34
CA HIS A 360 0.96 3.92 9.13
C HIS A 360 1.39 4.08 7.67
N CYS A 361 0.61 4.80 6.87
CA CYS A 361 0.96 5.18 5.51
C CYS A 361 1.20 4.00 4.58
N GLY A 362 0.67 2.83 4.90
CA GLY A 362 0.50 1.83 3.86
C GLY A 362 -0.28 2.41 2.70
N TRP A 363 0.02 1.95 1.48
CA TRP A 363 -0.59 2.61 0.33
C TRP A 363 -2.09 2.36 0.25
N ASN A 364 -2.54 1.13 0.49
CA ASN A 364 -3.97 0.86 0.44
C ASN A 364 -4.73 1.66 1.49
N SER A 365 -4.16 1.82 2.68
CA SER A 365 -4.79 2.62 3.71
C SER A 365 -4.77 4.08 3.35
N THR A 366 -3.78 4.50 2.56
CA THR A 366 -3.78 5.91 2.17
C THR A 366 -4.87 6.14 1.13
N LEU A 367 -4.93 5.28 0.12
CA LEU A 367 -6.03 5.35 -0.85
C LEU A 367 -7.37 5.28 -0.15
N GLU A 368 -7.55 4.35 0.78
CA GLU A 368 -8.86 4.25 1.43
C GLU A 368 -9.17 5.50 2.22
N ALA A 369 -8.14 6.17 2.75
CA ALA A 369 -8.39 7.39 3.51
C ALA A 369 -8.72 8.56 2.58
N ILE A 370 -8.01 8.67 1.47
CA ILE A 370 -8.26 9.78 0.54
C ILE A 370 -9.65 9.67 -0.07
N ALA A 371 -10.01 8.49 -0.56
CA ALA A 371 -11.31 8.30 -1.19
C ALA A 371 -12.49 8.50 -0.24
N SER A 372 -12.27 8.56 1.07
CA SER A 372 -13.30 8.95 2.01
C SER A 372 -13.07 10.36 2.53
N GLY A 373 -12.04 11.03 2.03
CA GLY A 373 -11.72 12.39 2.47
C GLY A 373 -11.39 12.53 3.93
N VAL A 374 -10.79 11.50 4.56
CA VAL A 374 -10.45 11.51 5.98
C VAL A 374 -9.01 11.99 6.13
N PRO A 375 -8.76 13.11 6.81
CA PRO A 375 -7.39 13.61 6.96
C PRO A 375 -6.55 12.75 7.91
N MET A 376 -5.22 12.83 7.76
CA MET A 376 -4.30 11.79 8.25
C MET A 376 -3.16 12.35 9.09
N VAL A 377 -2.74 11.57 10.07
CA VAL A 377 -1.46 11.77 10.76
C VAL A 377 -0.55 10.61 10.38
N ALA A 378 0.59 10.92 9.76
CA ALA A 378 1.50 9.89 9.25
C ALA A 378 2.35 9.34 10.40
N TRP A 379 2.31 8.03 10.60
CA TRP A 379 3.19 7.33 11.52
C TRP A 379 3.72 6.10 10.80
N PRO A 380 4.56 6.27 9.79
CA PRO A 380 4.99 5.13 8.98
C PRO A 380 5.82 4.20 9.83
N MET A 381 5.85 2.94 9.44
CA MET A 381 6.41 1.93 10.31
C MET A 381 7.34 0.98 9.60
N TYR A 382 6.84 0.23 8.60
CA TYR A 382 7.70 -0.74 7.92
C TYR A 382 7.62 -0.57 6.41
N ALA A 383 8.22 -1.49 5.66
CA ALA A 383 8.06 -1.60 4.18
C ALA A 383 8.45 -0.25 3.57
N GLU A 384 7.68 0.26 2.60
CA GLU A 384 7.96 1.55 1.99
C GLU A 384 7.18 2.71 2.63
N GLN A 385 6.59 2.49 3.80
CA GLN A 385 5.75 3.52 4.41
C GLN A 385 6.51 4.81 4.71
N TRP A 386 7.76 4.73 5.20
CA TRP A 386 8.50 5.97 5.46
C TRP A 386 8.62 6.83 4.19
N MET A 387 8.87 6.19 3.05
CA MET A 387 8.74 6.88 1.76
C MET A 387 7.38 7.54 1.60
N ASN A 388 6.30 6.72 1.55
CA ASN A 388 4.92 7.19 1.43
C ASN A 388 4.71 8.41 2.29
N LYS A 389 5.29 8.39 3.49
CA LYS A 389 5.12 9.48 4.45
C LYS A 389 5.70 10.78 3.91
N VAL A 390 6.95 10.76 3.45
CA VAL A 390 7.54 11.99 2.92
C VAL A 390 6.66 12.54 1.80
N PHE A 391 6.23 11.67 0.89
CA PHE A 391 5.38 12.13 -0.19
C PHE A 391 4.06 12.61 0.34
N LEU A 392 3.52 11.89 1.33
CA LEU A 392 2.22 12.25 1.89
C LEU A 392 2.27 13.58 2.61
N VAL A 393 3.39 13.89 3.24
CA VAL A 393 3.51 15.15 3.96
C VAL A 393 4.03 16.26 3.07
N GLU A 394 5.05 16.00 2.26
CA GLU A 394 5.69 17.08 1.50
C GLU A 394 5.08 17.24 0.12
N GLU A 395 5.00 16.18 -0.67
CA GLU A 395 4.51 16.37 -2.01
C GLU A 395 3.00 16.56 -2.01
N MET A 396 2.26 15.56 -1.55
CA MET A 396 0.78 15.62 -1.66
C MET A 396 0.17 16.55 -0.60
N LYS A 397 0.83 16.68 0.55
CA LYS A 397 0.32 17.55 1.64
C LYS A 397 -1.09 17.10 2.04
N LEU A 398 -1.27 15.82 2.33
CA LEU A 398 -2.58 15.31 2.80
C LEU A 398 -2.42 14.69 4.19
N ALA A 399 -1.26 14.91 4.82
CA ALA A 399 -1.05 14.42 6.18
C ALA A 399 0.05 15.24 6.83
N VAL A 400 0.16 15.05 8.13
CA VAL A 400 1.13 15.73 8.99
C VAL A 400 1.90 14.61 9.68
N PRO A 401 3.21 14.73 9.92
CA PRO A 401 3.96 13.62 10.51
C PRO A 401 3.66 13.50 11.99
N MET A 402 3.90 12.30 12.51
CA MET A 402 3.90 12.02 13.94
C MET A 402 5.36 11.99 14.34
N GLU A 403 5.85 13.07 14.94
CA GLU A 403 7.27 13.15 15.25
C GLU A 403 7.64 12.02 16.22
N GLY A 404 8.72 11.32 15.90
CA GLY A 404 9.16 10.20 16.69
C GLY A 404 9.01 8.87 16.01
N TYR A 405 8.39 8.85 14.82
CA TYR A 405 8.36 7.62 14.04
C TYR A 405 9.77 7.16 13.69
N ASP A 406 10.70 8.10 13.55
CA ASP A 406 12.08 7.78 13.24
C ASP A 406 12.93 7.60 14.47
N LYS A 407 12.33 7.55 15.64
CA LYS A 407 13.04 7.48 16.90
C LYS A 407 12.65 6.21 17.68
N ASP A 408 13.11 6.13 18.94
CA ASP A 408 12.82 4.92 19.72
C ASP A 408 11.34 4.77 20.01
N MET A 409 10.62 5.87 20.06
CA MET A 409 9.29 5.89 20.65
C MET A 409 8.63 7.22 20.36
N VAL A 410 7.32 7.19 20.16
CA VAL A 410 6.53 8.41 20.04
C VAL A 410 5.92 8.71 21.39
N THR A 411 6.14 9.93 21.89
CA THR A 411 5.76 10.30 23.25
C THR A 411 4.24 10.47 23.39
N ALA A 412 3.78 10.25 24.63
CA ALA A 412 2.41 10.60 24.98
C ALA A 412 2.12 12.05 24.65
N GLU A 413 3.06 12.94 24.96
CA GLU A 413 2.90 14.34 24.58
C GLU A 413 2.61 14.49 23.09
N GLU A 414 3.50 13.94 22.26
CA GLU A 414 3.39 14.14 20.81
C GLU A 414 2.13 13.49 20.23
N VAL A 415 1.74 12.33 20.77
CA VAL A 415 0.49 11.71 20.33
C VAL A 415 -0.68 12.65 20.62
N GLU A 416 -0.72 13.21 21.84
CA GLU A 416 -1.84 14.03 22.28
C GLU A 416 -1.93 15.33 21.50
N ARG A 417 -0.79 15.95 21.24
CA ARG A 417 -0.74 17.18 20.45
C ARG A 417 -1.34 16.95 19.05
N LYS A 418 -0.88 15.88 18.37
CA LYS A 418 -1.34 15.62 17.02
C LYS A 418 -2.80 15.19 16.95
N VAL A 419 -3.31 14.53 17.99
CA VAL A 419 -4.73 14.21 17.97
C VAL A 419 -5.56 15.46 18.23
N ARG A 420 -5.15 16.26 19.23
CA ARG A 420 -5.71 17.61 19.37
C ARG A 420 -5.68 18.36 18.06
N TRP A 421 -4.51 18.39 17.43
CA TRP A 421 -4.35 19.17 16.21
C TRP A 421 -5.30 18.71 15.10
N LEU A 422 -5.54 17.41 15.00
CA LEU A 422 -6.38 16.89 13.93
C LEU A 422 -7.84 17.27 14.11
N MET A 423 -8.34 17.20 15.34
CA MET A 423 -9.76 17.35 15.63
C MET A 423 -10.16 18.77 16.04
N GLU A 424 -9.20 19.65 16.35
CA GLU A 424 -9.53 20.89 17.04
C GLU A 424 -8.97 22.14 16.36
N SER A 425 -7.80 22.04 15.75
CA SER A 425 -7.06 23.21 15.29
C SER A 425 -7.52 23.68 13.93
N GLU A 426 -7.03 24.86 13.56
CA GLU A 426 -7.34 25.45 12.27
C GLU A 426 -6.52 24.81 11.16
N GLY A 427 -5.27 24.48 11.44
CA GLY A 427 -4.54 23.63 10.52
C GLY A 427 -5.33 22.38 10.17
N GLY A 428 -5.97 21.76 11.16
CA GLY A 428 -6.72 20.55 10.88
C GLY A 428 -7.89 20.78 9.94
N VAL A 429 -8.63 21.86 10.17
CA VAL A 429 -9.73 22.18 9.26
C VAL A 429 -9.19 22.46 7.86
N GLU A 430 -8.12 23.26 7.79
CA GLU A 430 -7.44 23.48 6.52
C GLU A 430 -7.00 22.16 5.87
N LEU A 431 -6.43 21.24 6.66
CA LEU A 431 -6.01 19.97 6.08
C LEU A 431 -7.19 19.11 5.65
N ARG A 432 -8.22 19.01 6.49
CA ARG A 432 -9.43 18.28 6.10
C ARG A 432 -10.02 18.84 4.82
N ALA A 433 -9.86 20.14 4.59
CA ALA A 433 -10.22 20.75 3.31
C ALA A 433 -9.37 20.18 2.18
N ARG A 434 -8.04 20.08 2.38
CA ARG A 434 -7.18 19.60 1.30
C ARG A 434 -7.55 18.19 0.88
N THR A 435 -7.87 17.35 1.86
CA THR A 435 -8.24 15.94 1.57
C THR A 435 -9.57 15.92 0.80
N GLU A 436 -10.53 16.73 1.25
CA GLU A 436 -11.81 16.80 0.55
C GLU A 436 -11.59 17.00 -0.94
N ARG A 437 -10.66 17.89 -1.29
CA ARG A 437 -10.31 18.08 -2.69
C ARG A 437 -9.81 16.78 -3.31
N ALA A 438 -8.86 16.13 -2.64
CA ALA A 438 -8.30 14.86 -3.15
C ALA A 438 -9.36 13.78 -3.25
N LYS A 439 -10.31 13.74 -2.31
CA LYS A 439 -11.45 12.85 -2.44
C LYS A 439 -12.16 13.03 -3.77
N GLU A 440 -12.31 14.29 -4.19
CA GLU A 440 -13.07 14.60 -5.40
C GLU A 440 -12.24 14.46 -6.67
N ARG A 441 -10.98 14.88 -6.62
CA ARG A 441 -10.11 14.61 -7.75
C ARG A 441 -10.01 13.10 -7.99
N ALA A 442 -10.24 12.30 -6.93
CA ALA A 442 -10.23 10.85 -7.02
C ALA A 442 -11.53 10.30 -7.58
N ALA A 443 -12.64 10.65 -6.91
CA ALA A 443 -13.95 10.30 -7.42
C ALA A 443 -14.08 10.67 -8.90
N ALA A 444 -13.58 11.85 -9.28
CA ALA A 444 -13.66 12.27 -10.67
C ALA A 444 -12.77 11.42 -11.56
N SER A 445 -11.54 11.15 -11.13
CA SER A 445 -10.61 10.43 -11.98
C SER A 445 -11.17 9.07 -12.36
N LEU A 446 -12.05 8.54 -11.51
CA LEU A 446 -12.58 7.17 -11.64
C LEU A 446 -13.87 7.14 -12.45
N ALA A 447 -14.79 8.06 -12.19
CA ALA A 447 -16.00 8.11 -12.99
C ALA A 447 -15.65 8.40 -14.45
N GLU A 448 -16.64 8.18 -15.32
CA GLU A 448 -16.45 8.22 -16.78
C GLU A 448 -15.74 9.50 -17.21
N GLY A 449 -14.92 9.36 -18.27
CA GLY A 449 -14.10 10.45 -18.80
C GLY A 449 -12.87 10.80 -17.99
N GLY A 450 -12.78 10.32 -16.73
CA GLY A 450 -11.70 10.73 -15.86
C GLY A 450 -10.35 10.18 -16.29
N LYS A 451 -9.30 10.78 -15.70
CA LYS A 451 -7.94 10.48 -16.12
C LYS A 451 -7.55 9.03 -15.87
N SER A 452 -7.99 8.47 -14.74
CA SER A 452 -7.69 7.06 -14.49
C SER A 452 -8.51 6.16 -15.37
N LYS A 453 -9.81 6.43 -15.48
CA LYS A 453 -10.69 5.60 -16.34
C LYS A 453 -10.08 5.56 -17.75
N VAL A 454 -9.70 6.72 -18.27
CA VAL A 454 -9.04 6.75 -19.57
C VAL A 454 -7.84 5.80 -19.57
N ALA A 455 -6.89 6.01 -18.66
CA ALA A 455 -5.72 5.15 -18.57
C ALA A 455 -6.12 3.67 -18.56
N LEU A 456 -7.20 3.34 -17.86
CA LEU A 456 -7.63 1.95 -17.78
C LEU A 456 -7.95 1.40 -19.17
N LEU A 457 -8.83 2.09 -19.90
CA LEU A 457 -9.19 1.63 -21.24
C LEU A 457 -7.98 1.67 -22.17
N GLU A 458 -7.13 2.67 -22.04
CA GLU A 458 -5.91 2.71 -22.84
C GLU A 458 -5.10 1.43 -22.66
N VAL A 459 -4.90 1.00 -21.42
CA VAL A 459 -4.07 -0.19 -21.22
C VAL A 459 -4.84 -1.46 -21.61
N VAL A 460 -6.16 -1.47 -21.46
CA VAL A 460 -6.92 -2.66 -21.84
C VAL A 460 -6.89 -2.85 -23.36
N GLU A 461 -7.22 -1.77 -24.09
CA GLU A 461 -7.14 -1.81 -25.55
C GLU A 461 -5.75 -2.20 -26.01
N ARG A 462 -4.73 -1.56 -25.43
CA ARG A 462 -3.34 -1.89 -25.72
C ARG A 462 -3.06 -3.38 -25.51
N MET A 463 -3.75 -4.02 -24.55
CA MET A 463 -3.53 -5.43 -24.30
C MET A 463 -4.11 -6.30 -25.40
N LYS A 464 -5.19 -5.83 -26.04
CA LYS A 464 -5.87 -6.63 -27.04
C LYS A 464 -5.07 -6.75 -28.33
N ARG A 465 -4.22 -5.77 -28.63
CA ARG A 465 -3.36 -5.82 -29.80
C ARG A 465 -2.08 -6.59 -29.50
N GLY A 466 -1.64 -7.38 -30.49
CA GLY A 466 -0.49 -8.27 -30.35
C GLY A 466 0.78 -7.59 -29.90
#